data_8US4
#
_entry.id   8US4
#
_cell.length_a   97.975
_cell.length_b   149.876
_cell.length_c   53.620
_cell.angle_alpha   90.000
_cell.angle_beta   90.000
_cell.angle_gamma   90.000
#
_symmetry.space_group_name_H-M   'C 2 2 21'
#
loop_
_entity.id
_entity.type
_entity.pdbx_description
1 polymer 'Translocation and assembly module subunit TamA'
2 non-polymer 'PLATINUM (II) ION'
#
_entity_poly.entity_id   1
_entity_poly.type   'polypeptide(L)'
_entity_poly.pdbx_seq_one_letter_code
;TMGVGLGFSTDVGARARFNWTRHWVNAEGHSLGFESEISAPRQNVGAWYEIPLDPPLTDKLRFTSGYQFEDLVDTESKLL
TLGGEWHSKRPDGWQRVVSLNWMREEYKLGDDSGLSSFLMPGIGYSLLETDNKVDPSHGYRLQFNVKGAKEGLLADADVL
HVDAMAKGLTSFAGGHRLLGRLQVGGIATNDYKSIPPSLRFFAGGDQSVRGYDYRTLSPENSDGDKIGGRYMIAGSVEYQ
YPLAERWRLATFVDQGNAFNSLDFPSIKTGVGFGVRWVSPVGPLRLDLAHALDDDGGFRLHFSMGPEL
;
_entity_poly.pdbx_strand_id   A
#
loop_
_chem_comp.id
_chem_comp.type
_chem_comp.name
_chem_comp.formula
PT non-polymer 'PLATINUM (II) ION' 'Pt 2'
#
# COMPACT_ATOMS: atom_id res chain seq x y z
N THR A 1 -19.47 -10.60 11.94
CA THR A 1 -18.73 -9.56 12.63
C THR A 1 -19.06 -8.20 12.00
N MET A 2 -19.12 -7.15 12.81
CA MET A 2 -19.43 -5.82 12.31
C MET A 2 -18.31 -4.81 12.43
N GLY A 3 -18.18 -3.90 11.49
CA GLY A 3 -17.19 -2.87 11.74
C GLY A 3 -17.44 -1.49 11.15
N VAL A 4 -17.08 -0.48 11.94
CA VAL A 4 -17.24 0.91 11.55
C VAL A 4 -15.94 1.56 11.96
N GLY A 5 -15.38 2.46 11.17
CA GLY A 5 -14.17 3.11 11.61
C GLY A 5 -14.13 4.58 11.28
N LEU A 6 -13.53 5.37 12.16
CA LEU A 6 -13.28 6.78 11.84
C LEU A 6 -11.79 6.88 11.81
N GLY A 7 -11.27 7.77 11.00
CA GLY A 7 -9.85 7.94 10.94
C GLY A 7 -9.52 9.32 10.44
N PHE A 8 -8.27 9.67 10.58
CA PHE A 8 -7.78 10.91 10.05
C PHE A 8 -6.38 10.58 9.59
N SER A 9 -5.86 11.40 8.69
CA SER A 9 -4.56 11.15 8.12
C SER A 9 -4.15 12.51 7.59
N THR A 10 -2.86 12.77 7.54
CA THR A 10 -2.39 13.93 6.83
C THR A 10 -2.48 13.68 5.33
N ASP A 11 -2.35 12.41 4.97
CA ASP A 11 -2.38 11.98 3.58
C ASP A 11 -3.71 12.21 2.87
N VAL A 12 -4.79 11.68 3.42
CA VAL A 12 -6.09 11.72 2.75
C VAL A 12 -7.12 12.52 3.55
N GLY A 13 -6.80 12.85 4.80
CA GLY A 13 -7.69 13.65 5.62
C GLY A 13 -8.64 12.79 6.43
N ALA A 14 -9.82 13.35 6.72
CA ALA A 14 -10.86 12.59 7.43
C ALA A 14 -11.24 11.37 6.60
N ARG A 15 -11.59 10.30 7.28
CA ARG A 15 -11.80 9.03 6.61
C ARG A 15 -12.75 8.12 7.37
N ALA A 16 -13.63 7.44 6.66
CA ALA A 16 -14.59 6.54 7.30
C ALA A 16 -14.44 5.18 6.66
N ARG A 17 -14.34 4.16 7.48
CA ARG A 17 -14.24 2.79 6.98
C ARG A 17 -15.47 2.00 7.40
N PHE A 18 -15.86 1.02 6.57
CA PHE A 18 -16.95 0.15 6.99
C PHE A 18 -16.62 -1.25 6.59
N ASN A 19 -17.07 -2.19 7.42
CA ASN A 19 -16.97 -3.61 7.13
C ASN A 19 -18.22 -4.34 7.55
N TRP A 20 -18.52 -5.35 6.75
CA TRP A 20 -19.61 -6.30 6.92
C TRP A 20 -19.22 -7.74 6.67
N THR A 21 -19.09 -8.55 7.71
CA THR A 21 -18.57 -9.87 7.42
C THR A 21 -19.75 -10.74 7.76
N ARG A 22 -19.95 -11.79 6.98
CA ARG A 22 -20.97 -12.78 7.26
C ARG A 22 -20.22 -14.11 7.35
N HIS A 23 -20.02 -14.62 8.56
CA HIS A 23 -19.04 -15.69 8.75
C HIS A 23 -19.48 -17.12 8.42
N TRP A 24 -20.78 -17.37 8.29
CA TRP A 24 -21.19 -18.66 7.74
C TRP A 24 -22.52 -18.53 7.05
N VAL A 25 -22.51 -18.88 5.77
CA VAL A 25 -23.66 -18.77 4.89
C VAL A 25 -24.39 -20.09 4.61
N ASN A 26 -23.57 -21.13 4.57
CA ASN A 26 -24.00 -22.46 4.14
C ASN A 26 -23.13 -23.54 4.77
N ALA A 27 -23.45 -24.79 4.50
CA ALA A 27 -22.76 -25.92 5.13
C ALA A 27 -21.29 -26.05 4.74
N GLU A 28 -20.88 -25.46 3.62
CA GLU A 28 -19.48 -25.60 3.22
C GLU A 28 -18.58 -24.53 3.86
N GLY A 29 -19.16 -23.69 4.71
CA GLY A 29 -18.32 -22.78 5.49
C GLY A 29 -17.99 -21.52 4.73
N HIS A 30 -18.82 -21.20 3.75
CA HIS A 30 -18.64 -19.99 2.96
C HIS A 30 -18.82 -18.72 3.79
N SER A 31 -18.14 -17.66 3.36
CA SER A 31 -18.11 -16.38 4.05
C SER A 31 -18.46 -15.27 3.07
N LEU A 32 -19.24 -14.30 3.52
CA LEU A 32 -19.66 -13.19 2.68
C LEU A 32 -19.09 -11.89 3.21
N GLY A 33 -18.85 -10.90 2.36
CA GLY A 33 -18.34 -9.64 2.86
C GLY A 33 -18.46 -8.37 2.06
N PHE A 34 -18.47 -7.24 2.78
CA PHE A 34 -18.49 -5.91 2.19
C PHE A 34 -17.56 -4.95 2.91
N GLU A 35 -17.01 -3.98 2.20
CA GLU A 35 -16.13 -3.00 2.83
C GLU A 35 -16.06 -1.76 2.00
N SER A 36 -15.87 -0.62 2.66
CA SER A 36 -15.77 0.63 1.92
C SER A 36 -14.91 1.61 2.67
N GLU A 37 -14.35 2.58 1.96
CA GLU A 37 -13.66 3.63 2.70
C GLU A 37 -13.93 4.92 1.97
N ILE A 38 -14.30 5.94 2.72
CA ILE A 38 -14.62 7.23 2.14
C ILE A 38 -13.66 8.27 2.70
N SER A 39 -12.94 8.93 1.81
CA SER A 39 -12.14 10.08 2.14
C SER A 39 -12.29 11.07 0.99
N ALA A 40 -12.11 12.36 1.27
CA ALA A 40 -12.22 13.40 0.27
C ALA A 40 -11.44 13.11 -1.02
N PRO A 41 -10.18 12.66 -0.94
CA PRO A 41 -9.49 12.44 -2.21
C PRO A 41 -9.69 11.04 -2.78
N ARG A 42 -10.36 10.16 -2.04
CA ARG A 42 -10.53 8.78 -2.50
C ARG A 42 -11.70 8.05 -1.86
N GLN A 43 -12.55 7.46 -2.69
CA GLN A 43 -13.72 6.70 -2.23
C GLN A 43 -13.76 5.34 -2.86
N ASN A 44 -13.95 4.30 -2.08
CA ASN A 44 -14.17 2.99 -2.70
C ASN A 44 -15.14 2.05 -2.00
N VAL A 45 -15.66 1.12 -2.79
CA VAL A 45 -16.63 0.13 -2.32
C VAL A 45 -16.22 -1.24 -2.84
N GLY A 46 -16.35 -2.26 -1.99
CA GLY A 46 -15.95 -3.61 -2.33
C GLY A 46 -16.80 -4.71 -1.72
N ALA A 47 -16.87 -5.83 -2.42
CA ALA A 47 -17.55 -7.03 -1.94
C ALA A 47 -16.68 -8.27 -2.15
N TRP A 48 -16.96 -9.31 -1.38
CA TRP A 48 -16.16 -10.53 -1.45
C TRP A 48 -16.98 -11.72 -1.01
N TYR A 49 -16.58 -12.88 -1.53
CA TYR A 49 -17.16 -14.18 -1.22
C TYR A 49 -15.99 -15.14 -1.00
N GLU A 50 -16.07 -15.96 0.04
CA GLU A 50 -15.03 -16.91 0.38
C GLU A 50 -15.49 -18.34 0.48
N ILE A 51 -14.66 -19.23 -0.02
CA ILE A 51 -14.87 -20.67 0.05
C ILE A 51 -13.64 -21.35 0.64
N PRO A 52 -13.77 -21.91 1.86
CA PRO A 52 -12.70 -22.69 2.49
C PRO A 52 -12.37 -23.95 1.71
N LEU A 53 -11.11 -24.22 1.41
CA LEU A 53 -10.77 -25.49 0.75
C LEU A 53 -10.35 -26.59 1.75
N ASP A 54 -9.10 -27.04 1.62
CA ASP A 54 -8.51 -28.06 2.48
C ASP A 54 -7.00 -27.89 2.39
N PRO A 55 -6.30 -27.59 3.50
CA PRO A 55 -6.73 -27.34 4.89
C PRO A 55 -7.57 -26.07 4.95
N PRO A 56 -8.65 -26.09 5.76
CA PRO A 56 -9.62 -24.98 5.78
C PRO A 56 -9.04 -23.56 5.93
N LEU A 57 -7.93 -23.42 6.65
CA LEU A 57 -7.39 -22.11 7.00
C LEU A 57 -6.32 -21.59 6.06
N THR A 58 -5.60 -22.49 5.41
CA THR A 58 -4.50 -22.04 4.61
C THR A 58 -4.81 -22.18 3.14
N ASP A 59 -5.90 -22.86 2.81
CA ASP A 59 -6.24 -22.95 1.40
C ASP A 59 -7.65 -22.52 1.15
N LYS A 60 -7.82 -21.58 0.22
CA LYS A 60 -9.17 -21.09 -0.03
C LYS A 60 -9.32 -20.31 -1.31
N LEU A 61 -10.56 -20.24 -1.80
CA LEU A 61 -10.87 -19.31 -2.87
C LEU A 61 -11.57 -18.08 -2.36
N ARG A 62 -11.22 -16.94 -2.91
CA ARG A 62 -11.90 -15.71 -2.57
C ARG A 62 -12.20 -15.00 -3.87
N PHE A 63 -13.48 -14.88 -4.20
CA PHE A 63 -13.91 -14.08 -5.34
C PHE A 63 -14.26 -12.67 -4.85
N THR A 64 -13.90 -11.66 -5.64
CA THR A 64 -14.06 -10.27 -5.23
C THR A 64 -14.53 -9.34 -6.36
N SER A 65 -15.22 -8.27 -5.98
CA SER A 65 -15.42 -7.19 -6.94
C SER A 65 -15.24 -5.86 -6.25
N GLY A 66 -14.94 -4.85 -7.06
CA GLY A 66 -14.66 -3.53 -6.54
C GLY A 66 -14.72 -2.33 -7.45
N TYR A 67 -14.94 -1.21 -6.78
CA TYR A 67 -14.90 0.16 -7.33
C TYR A 67 -14.15 1.17 -6.51
N GLN A 68 -13.36 1.98 -7.21
CA GLN A 68 -12.55 2.98 -6.54
C GLN A 68 -12.45 4.22 -7.41
N PHE A 69 -12.82 5.34 -6.79
CA PHE A 69 -12.59 6.63 -7.38
C PHE A 69 -11.40 7.22 -6.67
N GLU A 70 -10.58 7.91 -7.44
CA GLU A 70 -9.38 8.49 -6.89
C GLU A 70 -9.09 9.76 -7.62
N ASP A 71 -8.97 10.84 -6.86
CA ASP A 71 -8.51 12.11 -7.36
C ASP A 71 -7.30 12.51 -6.51
N LEU A 72 -6.10 12.30 -7.04
CA LEU A 72 -4.93 12.58 -6.23
C LEU A 72 -3.88 13.33 -7.05
N VAL A 73 -3.39 14.41 -6.46
CA VAL A 73 -2.44 15.33 -7.07
C VAL A 73 -2.98 15.79 -8.43
N ASP A 74 -2.42 15.25 -9.51
CA ASP A 74 -2.79 15.71 -10.85
C ASP A 74 -3.35 14.57 -11.70
N THR A 75 -3.77 13.48 -11.06
CA THR A 75 -4.33 12.36 -11.79
C THR A 75 -5.65 11.93 -11.17
N GLU A 76 -6.57 11.46 -12.01
CA GLU A 76 -7.81 10.81 -11.58
C GLU A 76 -8.03 9.45 -12.18
N SER A 77 -8.75 8.58 -11.47
CA SER A 77 -9.04 7.23 -11.98
C SER A 77 -10.29 6.67 -11.35
N LYS A 78 -11.15 6.15 -12.23
CA LYS A 78 -12.27 5.32 -11.85
C LYS A 78 -11.87 3.93 -12.23
N LEU A 79 -11.80 3.06 -11.23
CA LEU A 79 -11.26 1.74 -11.41
C LEU A 79 -12.30 0.72 -11.02
N LEU A 80 -12.58 -0.17 -11.95
CA LEU A 80 -13.52 -1.25 -11.73
C LEU A 80 -12.72 -2.53 -11.79
N THR A 81 -13.03 -3.48 -10.91
CA THR A 81 -12.26 -4.72 -10.84
C THR A 81 -13.09 -5.95 -10.43
N LEU A 82 -12.77 -7.10 -11.03
CA LEU A 82 -13.27 -8.39 -10.60
C LEU A 82 -12.11 -9.37 -10.43
N GLY A 83 -12.23 -10.36 -9.55
CA GLY A 83 -11.08 -11.23 -9.34
C GLY A 83 -11.31 -12.55 -8.61
N GLY A 84 -10.49 -13.53 -8.96
CA GLY A 84 -10.47 -14.80 -8.26
C GLY A 84 -9.11 -15.13 -7.69
N GLU A 85 -9.08 -15.56 -6.43
CA GLU A 85 -7.82 -15.90 -5.75
C GLU A 85 -7.84 -17.25 -5.07
N TRP A 86 -6.67 -17.87 -5.08
CA TRP A 86 -6.40 -19.16 -4.46
C TRP A 86 -5.23 -19.02 -3.51
N HIS A 87 -5.56 -19.01 -2.23
CA HIS A 87 -4.55 -18.87 -1.21
C HIS A 87 -4.09 -20.24 -0.73
N SER A 88 -2.77 -20.44 -0.61
CA SER A 88 -2.20 -21.63 0.02
C SER A 88 -0.92 -21.38 0.83
N LYS A 89 -0.85 -21.94 2.04
CA LYS A 89 0.34 -21.75 2.91
C LYS A 89 1.07 -22.99 3.42
N ARG A 90 2.40 -23.02 3.23
CA ARG A 90 3.25 -24.10 3.71
C ARG A 90 3.68 -23.79 5.16
N PRO A 91 4.15 -24.81 5.92
CA PRO A 91 4.52 -24.59 7.32
C PRO A 91 5.56 -23.52 7.63
N ASP A 92 6.40 -23.13 6.68
CA ASP A 92 7.32 -22.02 6.88
C ASP A 92 6.55 -20.80 7.36
N GLY A 93 5.46 -20.51 6.66
CA GLY A 93 4.74 -19.27 6.81
C GLY A 93 4.63 -18.58 5.47
N TRP A 94 5.27 -19.17 4.46
CA TRP A 94 5.19 -18.66 3.10
C TRP A 94 3.79 -18.84 2.56
N GLN A 95 3.08 -17.72 2.41
CA GLN A 95 1.77 -17.75 1.81
C GLN A 95 1.84 -17.37 0.35
N ARG A 96 1.46 -18.32 -0.52
CA ARG A 96 1.29 -18.05 -1.94
C ARG A 96 -0.14 -17.64 -2.20
N VAL A 97 -0.30 -16.71 -3.13
CA VAL A 97 -1.61 -16.30 -3.59
C VAL A 97 -1.60 -16.37 -5.10
N VAL A 98 -2.42 -17.24 -5.67
CA VAL A 98 -2.55 -17.25 -7.12
C VAL A 98 -3.80 -16.49 -7.55
N SER A 99 -3.66 -15.49 -8.41
CA SER A 99 -4.78 -14.61 -8.69
C SER A 99 -5.03 -14.47 -10.19
N LEU A 100 -6.29 -14.23 -10.53
CA LEU A 100 -6.74 -13.79 -11.86
C LEU A 100 -7.68 -12.60 -11.74
N ASN A 101 -7.20 -11.44 -12.16
CA ASN A 101 -7.98 -10.23 -11.98
C ASN A 101 -8.29 -9.56 -13.31
N TRP A 102 -9.55 -9.19 -13.53
CA TRP A 102 -9.88 -8.37 -14.69
C TRP A 102 -10.26 -6.97 -14.23
N MET A 103 -9.82 -5.96 -14.95
CA MET A 103 -10.18 -4.60 -14.55
C MET A 103 -10.41 -3.67 -15.74
N ARG A 104 -11.26 -2.68 -15.53
CA ARG A 104 -11.46 -1.64 -16.51
C ARG A 104 -11.26 -0.32 -15.80
N GLU A 105 -10.41 0.52 -16.38
CA GLU A 105 -10.07 1.82 -15.82
C GLU A 105 -10.19 3.06 -16.72
N GLU A 106 -10.98 4.02 -16.26
CA GLU A 106 -11.13 5.34 -16.86
C GLU A 106 -10.16 6.26 -16.14
N TYR A 107 -9.24 6.90 -16.85
CA TYR A 107 -8.23 7.65 -16.12
C TYR A 107 -7.83 8.94 -16.82
N LYS A 108 -7.31 9.87 -16.02
CA LYS A 108 -6.74 11.10 -16.52
C LYS A 108 -5.34 11.30 -15.98
N LEU A 109 -4.36 11.17 -16.89
CA LEU A 109 -2.97 11.46 -16.61
C LEU A 109 -2.57 12.87 -17.06
N GLY A 110 -2.35 13.77 -16.12
CA GLY A 110 -2.19 15.17 -16.46
C GLY A 110 -3.34 15.80 -17.21
N ASP A 111 -3.01 16.25 -18.42
CA ASP A 111 -3.97 16.88 -19.34
C ASP A 111 -4.29 15.95 -20.51
N ASP A 112 -4.80 14.77 -20.21
CA ASP A 112 -5.16 13.74 -21.17
C ASP A 112 -6.11 12.78 -20.51
N SER A 113 -6.36 11.65 -21.14
CA SER A 113 -7.32 10.72 -20.59
C SER A 113 -7.18 9.37 -21.21
N GLY A 114 -7.91 8.42 -20.67
CA GLY A 114 -7.87 7.07 -21.19
C GLY A 114 -9.06 6.25 -20.79
N LEU A 115 -9.19 5.09 -21.41
CA LEU A 115 -9.99 4.02 -20.86
C LEU A 115 -9.30 2.74 -21.35
N SER A 116 -8.83 1.93 -20.41
CA SER A 116 -8.21 0.67 -20.81
C SER A 116 -8.50 -0.48 -19.86
N SER A 117 -8.30 -1.69 -20.35
CA SER A 117 -8.75 -2.88 -19.63
C SER A 117 -7.74 -4.01 -19.71
N PHE A 118 -7.65 -4.77 -18.63
CA PHE A 118 -6.69 -5.87 -18.54
C PHE A 118 -7.20 -7.09 -17.80
N LEU A 119 -6.90 -8.25 -18.35
CA LEU A 119 -7.04 -9.46 -17.57
C LEU A 119 -5.64 -9.89 -17.25
N MET A 120 -5.30 -9.79 -15.97
CA MET A 120 -3.94 -10.04 -15.57
C MET A 120 -3.93 -11.04 -14.44
N PRO A 121 -3.07 -12.05 -14.57
CA PRO A 121 -2.73 -12.97 -13.49
C PRO A 121 -1.64 -12.40 -12.62
N GLY A 122 -1.63 -12.82 -11.37
CA GLY A 122 -0.63 -12.33 -10.45
C GLY A 122 -0.35 -13.47 -9.51
N ILE A 123 0.85 -13.48 -8.96
CA ILE A 123 1.20 -14.36 -7.87
C ILE A 123 1.90 -13.61 -6.74
N GLY A 124 1.55 -13.94 -5.50
CA GLY A 124 2.20 -13.28 -4.39
C GLY A 124 2.72 -14.25 -3.34
N TYR A 125 3.78 -13.86 -2.63
CA TYR A 125 4.26 -14.57 -1.45
C TYR A 125 4.42 -13.62 -0.28
N SER A 126 4.00 -14.09 0.88
CA SER A 126 4.06 -13.33 2.11
C SER A 126 4.68 -14.12 3.23
N LEU A 127 5.28 -13.42 4.18
CA LEU A 127 5.81 -14.06 5.35
C LEU A 127 5.71 -13.06 6.47
N LEU A 128 5.11 -13.51 7.58
CA LEU A 128 4.92 -12.67 8.75
C LEU A 128 5.28 -13.35 10.04
N GLU A 129 6.26 -12.77 10.74
CA GLU A 129 6.75 -13.39 11.96
C GLU A 129 6.90 -12.46 13.14
N THR A 130 6.02 -12.59 14.14
CA THR A 130 6.10 -11.69 15.28
C THR A 130 5.86 -12.53 16.54
N ASP A 131 6.38 -12.04 17.67
CA ASP A 131 6.09 -12.53 19.03
C ASP A 131 4.79 -12.39 19.81
N ASN A 132 4.15 -11.22 19.72
CA ASN A 132 2.78 -10.99 20.17
C ASN A 132 2.18 -9.75 19.53
N LYS A 133 0.94 -9.46 19.89
CA LYS A 133 -0.01 -8.77 19.03
C LYS A 133 -0.39 -7.40 19.58
N VAL A 134 0.00 -7.11 20.83
CA VAL A 134 -0.18 -5.75 21.35
C VAL A 134 1.18 -5.18 21.75
N ASP A 135 2.14 -6.06 21.96
CA ASP A 135 3.50 -5.65 22.35
C ASP A 135 4.54 -6.35 21.47
N PRO A 136 4.59 -6.07 20.17
CA PRO A 136 5.64 -6.87 19.53
C PRO A 136 7.05 -6.31 19.80
N SER A 137 7.92 -7.17 20.29
CA SER A 137 9.29 -6.78 20.61
C SER A 137 10.30 -7.00 19.46
N HIS A 138 9.99 -7.92 18.58
CA HIS A 138 10.76 -8.10 17.36
C HIS A 138 10.00 -8.91 16.32
N GLY A 139 10.31 -8.66 15.06
CA GLY A 139 9.62 -9.35 13.99
C GLY A 139 9.91 -8.91 12.57
N TYR A 140 9.20 -9.49 11.61
CA TYR A 140 9.35 -9.03 10.24
C TYR A 140 8.19 -9.38 9.30
N ARG A 141 8.14 -8.61 8.21
CA ARG A 141 7.17 -8.80 7.15
C ARG A 141 7.87 -8.82 5.82
N LEU A 142 7.63 -9.84 5.03
CA LEU A 142 8.14 -9.92 3.66
C LEU A 142 6.96 -10.03 2.73
N GLN A 143 6.93 -9.22 1.68
CA GLN A 143 5.83 -9.27 0.75
C GLN A 143 6.37 -9.13 -0.67
N PHE A 144 5.97 -10.07 -1.50
CA PHE A 144 6.39 -10.09 -2.90
C PHE A 144 5.19 -10.33 -3.80
N ASN A 145 5.08 -9.54 -4.85
CA ASN A 145 3.92 -9.65 -5.73
C ASN A 145 4.20 -9.30 -7.18
N VAL A 146 3.91 -10.25 -8.06
CA VAL A 146 4.11 -10.05 -9.49
C VAL A 146 2.83 -10.27 -10.28
N LYS A 147 2.48 -9.33 -11.15
CA LYS A 147 1.35 -9.54 -12.04
C LYS A 147 1.74 -9.10 -13.42
N GLY A 148 1.05 -9.62 -14.43
CA GLY A 148 1.44 -9.33 -15.79
C GLY A 148 0.36 -9.54 -16.81
N ALA A 149 0.50 -8.95 -18.00
CA ALA A 149 -0.53 -9.08 -19.02
C ALA A 149 0.05 -9.13 -20.43
N LYS A 150 -0.66 -9.84 -21.31
CA LYS A 150 -0.32 -10.01 -22.72
C LYS A 150 -1.37 -9.32 -23.60
N GLU A 151 -0.97 -8.29 -24.33
CA GLU A 151 -1.92 -7.61 -25.23
C GLU A 151 -2.42 -8.56 -26.30
N GLY A 152 -3.67 -8.39 -26.68
CA GLY A 152 -4.36 -9.37 -27.50
C GLY A 152 -5.21 -10.21 -26.58
N LEU A 153 -4.61 -10.69 -25.50
CA LEU A 153 -5.32 -11.46 -24.49
C LEU A 153 -6.02 -10.53 -23.51
N LEU A 154 -7.02 -9.80 -23.99
CA LEU A 154 -7.80 -8.85 -23.19
C LEU A 154 -6.93 -7.82 -22.49
N ALA A 155 -6.03 -7.20 -23.24
CA ALA A 155 -5.11 -6.21 -22.69
C ALA A 155 -4.65 -5.21 -23.73
N ASP A 156 -4.67 -3.93 -23.38
CA ASP A 156 -4.28 -2.90 -24.34
C ASP A 156 -2.76 -2.82 -24.50
N ALA A 157 -2.03 -3.51 -23.64
CA ALA A 157 -0.57 -3.50 -23.68
C ALA A 157 0.03 -4.71 -22.96
N ASP A 158 1.32 -4.94 -23.15
CA ASP A 158 2.02 -5.96 -22.38
C ASP A 158 2.48 -5.29 -21.10
N VAL A 159 2.41 -6.03 -20.00
CA VAL A 159 2.65 -5.45 -18.70
C VAL A 159 3.40 -6.44 -17.82
N LEU A 160 4.45 -5.98 -17.14
CA LEU A 160 5.01 -6.79 -16.07
C LEU A 160 5.27 -5.91 -14.84
N HIS A 161 4.31 -5.95 -13.93
CA HIS A 161 4.30 -5.16 -12.70
C HIS A 161 4.81 -6.01 -11.54
N VAL A 162 5.77 -5.46 -10.81
CA VAL A 162 6.37 -6.12 -9.66
C VAL A 162 6.47 -5.17 -8.47
N ASP A 163 5.96 -5.58 -7.31
CA ASP A 163 6.19 -4.79 -6.10
C ASP A 163 6.56 -5.65 -4.88
N ALA A 164 7.49 -5.12 -4.08
CA ALA A 164 8.00 -5.85 -2.93
C ALA A 164 8.24 -4.95 -1.74
N MET A 165 7.87 -5.42 -0.54
CA MET A 165 8.11 -4.65 0.68
C MET A 165 8.70 -5.53 1.80
N ALA A 166 9.56 -4.95 2.64
CA ALA A 166 10.10 -5.57 3.84
C ALA A 166 10.16 -4.71 5.12
N LYS A 167 9.54 -5.20 6.19
CA LYS A 167 9.58 -4.52 7.51
C LYS A 167 10.26 -5.42 8.51
N GLY A 168 10.99 -4.80 9.45
CA GLY A 168 11.71 -5.52 10.47
C GLY A 168 11.78 -4.70 11.75
N LEU A 169 11.72 -5.38 12.89
CA LEU A 169 11.84 -4.80 14.22
C LEU A 169 12.67 -5.58 15.22
N THR A 170 13.52 -4.88 15.97
CA THR A 170 14.29 -5.49 17.03
C THR A 170 14.13 -4.64 18.26
N SER A 171 14.04 -5.29 19.41
CA SER A 171 14.13 -4.60 20.69
C SER A 171 15.47 -4.98 21.26
N PHE A 172 16.17 -4.01 21.82
CA PHE A 172 17.44 -4.28 22.48
C PHE A 172 17.55 -3.41 23.74
N ALA A 173 18.52 -3.73 24.60
CA ALA A 173 18.63 -3.09 25.91
C ALA A 173 17.32 -3.16 26.68
N GLY A 174 16.99 -2.10 27.39
CA GLY A 174 15.79 -2.10 28.23
C GLY A 174 14.52 -1.73 27.50
N GLY A 175 14.38 -2.16 26.26
CA GLY A 175 13.15 -1.90 25.51
C GLY A 175 13.30 -0.85 24.42
N HIS A 176 14.54 -0.54 24.05
CA HIS A 176 14.82 0.35 22.93
C HIS A 176 14.54 -0.36 21.62
N ARG A 177 13.74 0.26 20.76
CA ARG A 177 13.37 -0.39 19.51
C ARG A 177 14.07 0.17 18.29
N LEU A 178 14.33 -0.71 17.33
CA LEU A 178 14.78 -0.29 16.01
C LEU A 178 13.83 -0.87 14.98
N LEU A 179 13.33 0.01 14.12
CA LEU A 179 12.41 -0.29 13.03
C LEU A 179 13.04 -0.08 11.66
N GLY A 180 12.89 -1.04 10.75
CA GLY A 180 13.44 -0.93 9.42
C GLY A 180 12.40 -1.19 8.35
N ARG A 181 12.48 -0.44 7.26
CA ARG A 181 11.45 -0.43 6.22
C ARG A 181 12.04 -0.29 4.80
N LEU A 182 11.69 -1.21 3.90
CA LEU A 182 12.02 -1.01 2.48
C LEU A 182 10.87 -1.36 1.53
N GLN A 183 10.72 -0.55 0.48
CA GLN A 183 9.71 -0.82 -0.54
C GLN A 183 10.24 -0.48 -1.93
N VAL A 184 9.98 -1.37 -2.88
CA VAL A 184 10.42 -1.18 -4.25
C VAL A 184 9.31 -1.56 -5.23
N GLY A 185 9.27 -0.86 -6.37
CA GLY A 185 8.25 -1.16 -7.35
C GLY A 185 8.76 -0.88 -8.74
N GLY A 186 8.28 -1.68 -9.70
CA GLY A 186 8.66 -1.50 -11.09
C GLY A 186 7.68 -2.10 -12.08
N ILE A 187 7.43 -1.39 -13.18
CA ILE A 187 6.60 -1.95 -14.24
C ILE A 187 7.34 -1.85 -15.56
N ALA A 188 7.44 -2.98 -16.25
CA ALA A 188 8.01 -3.03 -17.59
C ALA A 188 6.89 -3.10 -18.62
N THR A 189 7.02 -2.33 -19.69
CA THR A 189 5.99 -2.30 -20.72
C THR A 189 6.49 -1.76 -22.05
N ASN A 190 5.75 -2.09 -23.11
CA ASN A 190 6.02 -1.54 -24.43
C ASN A 190 5.00 -0.50 -24.85
N ASP A 191 4.21 -0.03 -23.89
CA ASP A 191 3.24 1.01 -24.17
C ASP A 191 2.93 1.75 -22.88
N TYR A 192 3.86 2.59 -22.45
CA TYR A 192 3.73 3.27 -21.18
C TYR A 192 2.51 4.20 -21.14
N LYS A 193 2.18 4.81 -22.28
CA LYS A 193 1.02 5.71 -22.37
C LYS A 193 -0.32 5.05 -22.12
N SER A 194 -0.45 3.79 -22.50
CA SER A 194 -1.69 3.04 -22.26
C SER A 194 -1.79 2.59 -20.80
N ILE A 195 -0.69 2.77 -20.06
CA ILE A 195 -0.62 2.34 -18.67
C ILE A 195 -1.26 3.37 -17.75
N PRO A 196 -2.37 2.98 -17.10
CA PRO A 196 -3.21 3.76 -16.19
C PRO A 196 -2.55 3.95 -14.83
N PRO A 197 -2.99 4.97 -14.08
CA PRO A 197 -2.44 5.38 -12.78
C PRO A 197 -2.23 4.21 -11.81
N SER A 198 -3.22 3.31 -11.70
CA SER A 198 -3.16 2.19 -10.77
C SER A 198 -1.93 1.31 -10.96
N LEU A 199 -1.32 1.38 -12.14
CA LEU A 199 -0.16 0.56 -12.46
C LEU A 199 1.12 1.38 -12.41
N ARG A 200 0.98 2.70 -12.29
CA ARG A 200 2.15 3.55 -12.15
C ARG A 200 2.55 3.74 -10.68
N PHE A 201 3.70 4.35 -10.44
CA PHE A 201 4.18 4.50 -9.06
C PHE A 201 4.35 5.93 -8.56
N PHE A 202 4.04 6.14 -7.28
CA PHE A 202 4.13 7.45 -6.64
C PHE A 202 4.82 7.23 -5.28
N ALA A 203 5.29 8.31 -4.66
CA ALA A 203 5.98 8.18 -3.38
C ALA A 203 5.79 9.43 -2.52
N GLY A 204 6.20 9.35 -1.25
CA GLY A 204 5.95 10.44 -0.31
C GLY A 204 4.71 10.14 0.49
N GLY A 205 4.65 10.63 1.73
CA GLY A 205 3.51 10.36 2.58
C GLY A 205 3.95 9.77 3.92
N ASP A 206 3.00 9.44 4.77
CA ASP A 206 3.31 8.96 6.11
C ASP A 206 4.12 7.66 6.14
N GLN A 207 3.78 6.73 5.27
CA GLN A 207 4.39 5.39 5.22
C GLN A 207 5.32 5.19 4.03
N SER A 208 5.83 6.29 3.49
CA SER A 208 6.59 6.23 2.25
C SER A 208 7.87 7.06 2.39
N VAL A 209 7.80 8.37 2.16
CA VAL A 209 8.94 9.24 2.44
C VAL A 209 8.48 10.46 3.23
N ARG A 210 8.59 10.42 4.54
CA ARG A 210 8.10 11.52 5.37
C ARG A 210 8.91 12.78 5.09
N GLY A 211 8.28 13.94 5.25
CA GLY A 211 8.86 15.21 4.88
C GLY A 211 8.30 15.76 3.58
N TYR A 212 7.62 14.89 2.83
CA TYR A 212 7.06 15.21 1.53
C TYR A 212 5.60 14.82 1.49
N ASP A 213 4.78 15.60 0.80
CA ASP A 213 3.35 15.32 0.76
C ASP A 213 3.07 14.05 -0.03
N TYR A 214 1.88 13.51 0.18
CA TYR A 214 1.48 12.24 -0.41
C TYR A 214 1.52 12.20 -1.94
N ARG A 215 2.26 11.21 -2.45
CA ARG A 215 2.32 10.89 -3.87
C ARG A 215 2.87 12.05 -4.70
N THR A 216 3.67 12.92 -4.09
CA THR A 216 4.19 14.07 -4.82
C THR A 216 5.57 13.79 -5.38
N LEU A 217 6.27 12.82 -4.82
CA LEU A 217 7.54 12.44 -5.40
C LEU A 217 7.32 11.62 -6.66
N SER A 218 7.46 12.25 -7.81
CA SER A 218 7.09 11.60 -9.07
C SER A 218 7.63 12.36 -10.28
N PRO A 219 7.91 11.64 -11.38
CA PRO A 219 8.26 12.22 -12.68
C PRO A 219 7.16 13.13 -13.19
N GLU A 220 7.53 14.14 -13.95
CA GLU A 220 6.53 15.02 -14.52
C GLU A 220 6.68 15.01 -16.04
N ASN A 221 5.60 15.32 -16.74
CA ASN A 221 5.63 15.33 -18.20
C ASN A 221 5.97 16.71 -18.77
N SER A 222 5.89 16.81 -20.09
CA SER A 222 6.25 18.01 -20.85
C SER A 222 5.71 19.29 -20.20
N ASP A 223 4.48 19.23 -19.71
CA ASP A 223 3.78 20.42 -19.23
C ASP A 223 3.90 20.61 -17.72
N GLY A 224 4.61 19.70 -17.06
CA GLY A 224 4.95 19.84 -15.64
C GLY A 224 3.99 19.19 -14.64
N ASP A 225 3.24 18.20 -15.10
CA ASP A 225 2.29 17.45 -14.27
C ASP A 225 2.81 16.10 -13.72
N LYS A 226 2.58 15.78 -12.44
CA LYS A 226 3.05 14.49 -11.90
C LYS A 226 2.18 13.35 -12.41
N ILE A 227 2.72 12.54 -13.31
CA ILE A 227 1.89 11.66 -14.11
C ILE A 227 2.09 10.22 -13.67
N GLY A 228 3.17 10.01 -12.92
CA GLY A 228 3.48 8.70 -12.40
C GLY A 228 4.78 8.17 -12.96
N GLY A 229 5.50 7.45 -12.12
CA GLY A 229 6.80 6.89 -12.45
C GLY A 229 6.77 5.43 -12.86
N ARG A 230 7.76 5.05 -13.66
CA ARG A 230 7.98 3.65 -14.01
C ARG A 230 8.56 2.84 -12.85
N TYR A 231 9.31 3.49 -11.97
CA TYR A 231 9.93 2.81 -10.84
C TYR A 231 9.72 3.57 -9.54
N MET A 232 9.90 2.88 -8.42
CA MET A 232 9.99 3.57 -7.13
C MET A 232 10.86 2.82 -6.14
N ILE A 233 11.43 3.60 -5.21
CA ILE A 233 12.02 3.12 -3.98
C ILE A 233 11.60 3.97 -2.80
N ALA A 234 11.49 3.33 -1.65
CA ALA A 234 11.21 4.01 -0.41
C ALA A 234 11.84 3.24 0.76
N GLY A 235 12.64 3.88 1.57
CA GLY A 235 13.31 3.17 2.62
C GLY A 235 13.15 4.05 3.81
N SER A 236 13.21 3.45 4.99
CA SER A 236 13.07 4.21 6.22
C SER A 236 13.75 3.45 7.36
N VAL A 237 14.36 4.20 8.27
CA VAL A 237 14.90 3.68 9.51
C VAL A 237 14.41 4.51 10.69
N GLU A 238 13.90 3.85 11.71
CA GLU A 238 13.31 4.54 12.84
C GLU A 238 13.82 3.99 14.16
N TYR A 239 14.17 4.88 15.08
CA TYR A 239 14.55 4.45 16.41
C TYR A 239 13.46 4.88 17.36
N GLN A 240 13.04 3.96 18.22
CA GLN A 240 12.02 4.30 19.20
C GLN A 240 12.53 4.09 20.62
N TYR A 241 12.33 5.09 21.45
CA TYR A 241 12.73 4.99 22.84
C TYR A 241 11.44 4.97 23.64
N PRO A 242 11.26 3.91 24.44
CA PRO A 242 10.06 3.78 25.28
C PRO A 242 10.11 4.87 26.34
N LEU A 243 9.10 5.75 26.39
CA LEU A 243 9.13 6.86 27.33
C LEU A 243 8.20 6.64 28.51
N ALA A 244 7.07 5.98 28.26
CA ALA A 244 6.17 5.54 29.31
C ALA A 244 5.47 4.30 28.79
N GLU A 245 4.65 3.66 29.61
CA GLU A 245 3.76 2.64 29.07
C GLU A 245 2.79 3.34 28.15
N ARG A 246 2.61 2.76 26.95
CA ARG A 246 1.72 3.27 25.89
C ARG A 246 2.29 4.52 25.20
N TRP A 247 3.49 4.94 25.58
CA TRP A 247 4.08 6.12 24.98
C TRP A 247 5.51 5.89 24.49
N ARG A 248 5.76 6.14 23.21
CA ARG A 248 7.12 5.99 22.70
C ARG A 248 7.54 7.24 21.97
N LEU A 249 8.84 7.45 21.91
CA LEU A 249 9.41 8.60 21.24
C LEU A 249 10.30 8.17 20.09
N ALA A 250 9.97 8.59 18.88
CA ALA A 250 10.69 8.09 17.71
C ALA A 250 11.48 9.19 17.05
N THR A 251 12.58 8.80 16.41
CA THR A 251 13.31 9.67 15.48
C THR A 251 13.63 8.85 14.25
N PHE A 252 13.58 9.45 13.07
CA PHE A 252 13.64 8.68 11.85
C PHE A 252 14.43 9.35 10.74
N VAL A 253 14.85 8.49 9.81
CA VAL A 253 15.42 8.92 8.54
C VAL A 253 14.77 8.14 7.41
N ASP A 254 14.22 8.89 6.45
CA ASP A 254 13.61 8.37 5.23
C ASP A 254 14.33 8.74 3.94
N GLN A 255 14.32 7.81 2.98
CA GLN A 255 14.81 8.09 1.64
C GLN A 255 13.93 7.50 0.55
N GLY A 256 13.71 8.22 -0.54
CA GLY A 256 12.94 7.64 -1.61
C GLY A 256 12.66 8.51 -2.81
N ASN A 257 12.10 7.89 -3.85
CA ASN A 257 11.63 8.56 -5.03
C ASN A 257 10.89 7.66 -6.01
N ALA A 258 10.09 8.28 -6.88
CA ALA A 258 9.52 7.63 -8.05
C ALA A 258 10.18 8.22 -9.29
N PHE A 259 10.56 7.39 -10.25
CA PHE A 259 11.41 7.92 -11.31
C PHE A 259 11.31 7.04 -12.56
N ASN A 260 11.71 7.59 -13.71
CA ASN A 260 11.58 6.88 -14.98
C ASN A 260 12.86 6.26 -15.50
N SER A 261 13.97 6.70 -14.94
CA SER A 261 15.28 6.24 -15.40
C SER A 261 16.07 5.63 -14.26
N LEU A 262 16.49 4.39 -14.44
CA LEU A 262 17.39 3.79 -13.49
C LEU A 262 18.65 4.64 -13.25
N ASP A 263 19.05 5.46 -14.24
CA ASP A 263 20.28 6.25 -14.13
C ASP A 263 20.12 7.54 -13.33
N PHE A 264 18.89 8.03 -13.22
CA PHE A 264 18.60 9.28 -12.49
C PHE A 264 17.48 9.12 -11.49
N PRO A 265 17.75 8.39 -10.40
CA PRO A 265 16.75 8.11 -9.37
C PRO A 265 16.36 9.38 -8.62
N SER A 266 17.28 10.33 -8.55
CA SER A 266 17.02 11.61 -7.86
C SER A 266 16.47 11.34 -6.48
N ILE A 267 17.27 10.66 -5.66
CA ILE A 267 16.79 10.20 -4.37
C ILE A 267 16.56 11.37 -3.42
N LYS A 268 15.36 11.40 -2.85
CA LYS A 268 15.00 12.42 -1.88
C LYS A 268 15.23 11.90 -0.46
N THR A 269 15.53 12.80 0.46
CA THR A 269 15.80 12.44 1.85
C THR A 269 14.96 13.28 2.80
N GLY A 270 14.28 12.62 3.72
CA GLY A 270 13.55 13.29 4.78
C GLY A 270 14.09 12.90 6.14
N VAL A 271 14.11 13.82 7.09
CA VAL A 271 14.52 13.41 8.43
C VAL A 271 13.52 13.92 9.46
N GLY A 272 13.46 13.33 10.63
CA GLY A 272 12.61 13.94 11.64
C GLY A 272 12.44 13.22 12.95
N PHE A 273 11.42 13.64 13.70
CA PHE A 273 11.14 13.00 14.97
C PHE A 273 9.66 13.11 15.33
N GLY A 274 9.14 12.12 16.02
CA GLY A 274 7.76 12.16 16.43
C GLY A 274 7.42 11.46 17.72
N VAL A 275 6.13 11.40 17.98
CA VAL A 275 5.56 10.80 19.16
C VAL A 275 4.67 9.67 18.72
N ARG A 276 4.79 8.53 19.41
CA ARG A 276 3.92 7.40 19.18
C ARG A 276 3.07 7.18 20.42
N TRP A 277 1.78 6.91 20.23
CA TRP A 277 0.87 6.66 21.35
C TRP A 277 0.00 5.48 20.99
N VAL A 278 0.08 4.41 21.78
CA VAL A 278 -0.86 3.32 21.59
C VAL A 278 -2.14 3.66 22.32
N SER A 279 -3.05 4.33 21.64
CA SER A 279 -4.21 4.82 22.33
C SER A 279 -5.32 3.78 22.25
N PRO A 280 -6.43 4.01 22.96
CA PRO A 280 -7.62 3.13 22.90
C PRO A 280 -8.40 3.30 21.60
N VAL A 281 -7.75 3.84 20.57
CA VAL A 281 -8.38 3.92 19.26
C VAL A 281 -7.34 3.44 18.24
N GLY A 282 -6.13 3.18 18.72
CA GLY A 282 -5.11 2.60 17.89
C GLY A 282 -3.73 3.21 18.01
N PRO A 283 -2.74 2.60 17.33
CA PRO A 283 -1.42 3.23 17.33
C PRO A 283 -1.50 4.54 16.57
N LEU A 284 -1.37 5.67 17.25
CA LEU A 284 -1.36 6.96 16.58
C LEU A 284 0.08 7.41 16.49
N ARG A 285 0.46 7.95 15.34
CA ARG A 285 1.79 8.52 15.21
C ARG A 285 1.68 9.92 14.68
N LEU A 286 2.40 10.82 15.33
CA LEU A 286 2.39 12.23 14.98
C LEU A 286 3.83 12.65 14.82
N ASP A 287 4.19 12.99 13.59
CA ASP A 287 5.57 13.29 13.27
C ASP A 287 5.86 14.70 12.79
N LEU A 288 7.05 15.19 13.12
CA LEU A 288 7.56 16.43 12.57
C LEU A 288 8.81 16.15 11.73
N ALA A 289 8.72 16.48 10.44
CA ALA A 289 9.76 16.07 9.50
C ALA A 289 10.27 17.25 8.71
N HIS A 290 11.57 17.34 8.49
CA HIS A 290 12.13 18.41 7.70
C HIS A 290 12.66 17.71 6.45
N ALA A 291 12.18 18.14 5.28
CA ALA A 291 12.69 17.64 4.01
C ALA A 291 14.01 18.32 3.69
N LEU A 292 15.05 17.51 3.51
CA LEU A 292 16.38 18.06 3.23
C LEU A 292 16.68 18.35 1.77
N ASP A 293 15.97 17.69 0.86
CA ASP A 293 16.24 17.84 -0.57
C ASP A 293 15.14 18.65 -1.25
N ASP A 294 15.27 18.93 -2.55
CA ASP A 294 14.35 19.84 -3.23
C ASP A 294 14.18 21.14 -2.45
N ASP A 295 12.97 21.65 -2.33
CA ASP A 295 12.79 22.79 -1.44
C ASP A 295 12.04 22.43 -0.17
N GLY A 296 12.85 22.10 0.84
CA GLY A 296 12.41 21.58 2.12
C GLY A 296 11.96 22.56 3.19
N GLY A 297 10.70 22.45 3.63
CA GLY A 297 10.31 23.16 4.83
C GLY A 297 10.17 22.14 5.97
N PHE A 298 9.17 22.34 6.82
CA PHE A 298 8.93 21.44 7.94
C PHE A 298 7.54 20.90 7.71
N ARG A 299 7.23 19.74 8.26
CA ARG A 299 5.97 19.11 7.91
C ARG A 299 5.39 18.32 9.07
N LEU A 300 4.07 18.40 9.25
CA LEU A 300 3.36 17.66 10.28
C LEU A 300 2.64 16.44 9.69
N HIS A 301 2.98 15.25 10.17
CA HIS A 301 2.35 14.01 9.75
C HIS A 301 1.46 13.36 10.82
N PHE A 302 0.30 12.82 10.44
CA PHE A 302 -0.51 12.11 11.41
C PHE A 302 -0.95 10.81 10.74
N SER A 303 -0.97 9.75 11.52
CA SER A 303 -1.25 8.44 10.97
C SER A 303 -1.68 7.45 12.03
N MET A 304 -2.40 6.41 11.63
CA MET A 304 -2.80 5.40 12.61
C MET A 304 -2.51 4.02 12.01
N GLY A 305 -1.24 3.65 12.06
CA GLY A 305 -0.73 2.40 11.50
C GLY A 305 0.10 1.61 12.50
N PRO A 306 0.34 0.33 12.23
CA PRO A 306 1.17 -0.57 13.07
C PRO A 306 2.58 -0.03 13.25
PT PT B . 3.35 -3.60 3.69
PT PT C . -6.95 3.64 10.03
PT PT D . -4.39 -5.24 -12.35
PT PT E . -4.59 -15.44 2.46
PT PT F . 1.19 22.00 6.01
#